data_7C6R
#
_entry.id   7C6R
#
_cell.length_a   58.230
_cell.length_b   63.230
_cell.length_c   110.080
_cell.angle_alpha   90.000
_cell.angle_beta   90.000
_cell.angle_gamma   90.000
#
_symmetry.space_group_name_H-M   'P 21 21 21'
#
loop_
_entity.id
_entity.type
_entity.pdbx_description
1 polymer 'Sugar ABC transporter, periplasmic sugar-binding protein'
2 branched beta-D-glucopyranose-(1-4)-beta-D-glucopyranose-(1-4)-beta-D-glucopyranose-(1-4)-beta-D-glucopyranose-(1-4)-beta-D-glucopyranose
3 non-polymer 'CHLORIDE ION'
4 non-polymer 1,2-ETHANEDIOL
5 non-polymer 'SULFATE ION'
6 water water
#
_entity_poly.entity_id   1
_entity_poly.type   'polypeptide(L)'
_entity_poly.pdbx_seq_one_letter_code
;MQKTLEVWIMPNSPQPAEDFKALVAPFEKAHGVEVKVTVLDWGVAWTKITTAATSGVGPDLTQLGTTWVGAISAMGVLEP
VDDVLEALGGEKAYLPAVWRTTRLEGARQATAVPWFSELRAFYYRTDALKAAGVNPAEMFASWQGFEAGLARLKASSFRD
PETKAPLAPLCTPGRTPRTLHNAAPWIWGAGGEIVRQAGGRWQSALNSPESLEGLYFFLSLAQKGYVPAESLEKNTAQIE
ADFQAGKCAVFASGPWMIQRAQVPEAKGGFAERTAAKNLGVAPYPAGPKGRYTFFGGSNLALFNFSKNKPLAKELLKYLG
GPEAQVRYAQMTGMLPALRSAWSDPSFQQNPLLRTFIQAAQFGRTYPSLAGWGGVENLAVQHLGMAWDLVAQGRLTREAL
KDLMDKASAAINQALRHHHHHH
;
_entity_poly.pdbx_strand_id   A
#
loop_
_chem_comp.id
_chem_comp.type
_chem_comp.name
_chem_comp.formula
BGC D-saccharide, beta linking beta-D-glucopyranose 'C6 H12 O6'
CL non-polymer 'CHLORIDE ION' 'Cl -1'
EDO non-polymer 1,2-ETHANEDIOL 'C2 H6 O2'
SO4 non-polymer 'SULFATE ION' 'O4 S -2'
#
# COMPACT_ATOMS: atom_id res chain seq x y z
N LYS A 3 3.95 -30.40 18.52
CA LYS A 3 3.04 -29.26 18.28
C LYS A 3 3.71 -28.27 17.31
N THR A 4 2.96 -27.95 16.22
CA THR A 4 3.32 -26.99 15.14
C THR A 4 2.17 -25.99 14.84
N LEU A 5 2.42 -24.69 15.03
CA LEU A 5 1.51 -23.61 14.52
C LEU A 5 1.81 -23.43 13.02
N GLU A 6 0.76 -23.31 12.20
CA GLU A 6 0.90 -23.02 10.76
C GLU A 6 0.48 -21.57 10.53
N VAL A 7 1.40 -20.76 9.99
CA VAL A 7 1.12 -19.33 9.65
C VAL A 7 1.36 -19.08 8.15
N TRP A 8 0.47 -18.33 7.52
CA TRP A 8 0.65 -17.86 6.12
C TRP A 8 0.98 -16.37 6.15
N ILE A 9 2.04 -15.96 5.40
CA ILE A 9 2.53 -14.56 5.22
C ILE A 9 2.72 -14.29 3.72
N MET A 10 2.81 -13.01 3.37
CA MET A 10 3.09 -12.57 1.98
C MET A 10 4.57 -12.18 1.95
N PRO A 11 5.17 -11.84 0.79
CA PRO A 11 6.62 -11.62 0.74
C PRO A 11 6.99 -10.24 1.34
N ASN A 12 7.08 -10.13 2.68
CA ASN A 12 7.20 -8.80 3.31
C ASN A 12 8.63 -8.36 3.38
N SER A 13 9.59 -9.24 3.17
CA SER A 13 11.02 -8.88 3.15
C SER A 13 11.74 -9.77 2.15
N PRO A 14 12.97 -9.39 1.71
CA PRO A 14 13.67 -10.16 0.68
C PRO A 14 13.79 -11.67 0.94
N GLN A 15 14.06 -12.14 2.18
CA GLN A 15 13.93 -13.60 2.47
C GLN A 15 12.83 -13.81 3.50
N PRO A 16 11.56 -13.80 3.01
CA PRO A 16 10.43 -13.51 3.90
C PRO A 16 10.27 -14.60 4.97
N ALA A 17 10.44 -15.86 4.59
CA ALA A 17 10.27 -17.03 5.47
C ALA A 17 11.34 -17.01 6.57
N GLU A 18 12.60 -16.76 6.19
CA GLU A 18 13.73 -16.71 7.16
C GLU A 18 13.58 -15.58 8.16
N ASP A 19 13.11 -14.41 7.68
CA ASP A 19 12.94 -13.20 8.50
C ASP A 19 11.85 -13.53 9.54
N PHE A 20 10.77 -14.14 9.06
CA PHE A 20 9.59 -14.51 9.90
C PHE A 20 10.04 -15.56 10.91
N LYS A 21 10.81 -16.55 10.49
CA LYS A 21 11.23 -17.60 11.46
C LYS A 21 12.16 -16.99 12.53
N ALA A 22 13.07 -16.08 12.14
CA ALA A 22 14.01 -15.45 13.11
C ALA A 22 13.18 -14.58 14.07
N LEU A 23 12.12 -13.95 13.58
CA LEU A 23 11.22 -13.12 14.37
C LEU A 23 10.58 -13.93 15.50
N VAL A 24 10.05 -15.13 15.22
CA VAL A 24 9.18 -15.92 16.17
C VAL A 24 9.98 -16.92 17.01
N ALA A 25 11.29 -17.08 16.79
CA ALA A 25 12.16 -18.02 17.53
C ALA A 25 12.08 -17.81 19.05
N PRO A 26 12.14 -16.59 19.62
CA PRO A 26 11.93 -16.42 21.07
C PRO A 26 10.56 -16.93 21.55
N PHE A 27 9.53 -16.80 20.71
CA PHE A 27 8.17 -17.33 21.01
C PHE A 27 8.24 -18.86 21.11
N GLU A 28 8.88 -19.47 20.13
CA GLU A 28 8.99 -20.94 20.00
C GLU A 28 9.61 -21.49 21.26
N LYS A 29 10.69 -20.84 21.74
CA LYS A 29 11.44 -21.26 22.95
C LYS A 29 10.56 -21.04 24.19
N ALA A 30 9.94 -19.89 24.34
CA ALA A 30 9.20 -19.48 25.55
C ALA A 30 8.00 -20.43 25.74
N HIS A 31 7.51 -21.00 24.62
CA HIS A 31 6.26 -21.79 24.52
C HIS A 31 6.53 -23.23 24.10
N GLY A 32 7.77 -23.59 23.77
CA GLY A 32 8.10 -25.00 23.51
C GLY A 32 7.28 -25.56 22.36
N VAL A 33 7.07 -24.76 21.30
CA VAL A 33 6.27 -25.13 20.08
C VAL A 33 7.07 -24.79 18.83
N GLU A 34 6.74 -25.42 17.71
CA GLU A 34 7.35 -25.11 16.39
C GLU A 34 6.38 -24.24 15.59
N VAL A 35 6.85 -23.23 14.85
CA VAL A 35 5.98 -22.41 13.94
C VAL A 35 6.40 -22.68 12.48
N LYS A 36 5.49 -23.25 11.69
CA LYS A 36 5.70 -23.53 10.24
C LYS A 36 5.13 -22.39 9.38
N VAL A 37 5.98 -21.76 8.54
CA VAL A 37 5.58 -20.55 7.79
C VAL A 37 5.37 -20.95 6.35
N THR A 38 4.25 -20.54 5.76
CA THR A 38 4.11 -20.59 4.27
C THR A 38 4.07 -19.17 3.74
N VAL A 39 4.82 -18.90 2.66
CA VAL A 39 4.81 -17.57 1.98
C VAL A 39 3.98 -17.68 0.73
N LEU A 40 2.91 -16.88 0.63
CA LEU A 40 2.08 -16.74 -0.58
C LEU A 40 2.41 -15.39 -1.22
N ASP A 41 2.56 -15.36 -2.55
CA ASP A 41 2.78 -14.10 -3.32
C ASP A 41 1.54 -13.20 -3.25
N TRP A 42 1.71 -11.91 -3.46
CA TRP A 42 0.57 -10.95 -3.32
C TRP A 42 -0.49 -11.20 -4.42
N GLY A 43 -0.10 -11.67 -5.61
CA GLY A 43 -1.04 -11.88 -6.74
C GLY A 43 -2.05 -13.01 -6.51
N VAL A 44 -1.74 -14.01 -5.70
CA VAL A 44 -2.55 -15.24 -5.47
C VAL A 44 -2.92 -15.34 -3.98
N ALA A 45 -2.27 -14.59 -3.11
CA ALA A 45 -2.53 -14.70 -1.66
C ALA A 45 -4.05 -14.66 -1.42
N TRP A 46 -4.74 -13.72 -2.06
CA TRP A 46 -6.20 -13.46 -1.86
C TRP A 46 -6.97 -14.76 -2.13
N THR A 47 -6.66 -15.48 -3.20
CA THR A 47 -7.41 -16.68 -3.64
C THR A 47 -7.12 -17.88 -2.73
N LYS A 48 -5.87 -18.12 -2.35
CA LYS A 48 -5.58 -19.32 -1.51
C LYS A 48 -6.15 -19.06 -0.10
N ILE A 49 -6.19 -17.81 0.32
CA ILE A 49 -6.74 -17.44 1.67
C ILE A 49 -8.25 -17.67 1.60
N THR A 50 -8.89 -17.28 0.50
CA THR A 50 -10.36 -17.38 0.29
C THR A 50 -10.72 -18.85 0.15
N THR A 51 -9.90 -19.63 -0.54
CA THR A 51 -10.07 -21.11 -0.61
C THR A 51 -10.02 -21.70 0.82
N ALA A 52 -9.06 -21.27 1.63
CA ALA A 52 -8.90 -21.77 3.02
C ALA A 52 -10.14 -21.45 3.87
N ALA A 53 -10.76 -20.28 3.68
CA ALA A 53 -11.94 -19.76 4.41
C ALA A 53 -13.18 -20.54 4.00
N THR A 54 -13.37 -20.78 2.71
CA THR A 54 -14.51 -21.53 2.13
C THR A 54 -14.42 -23.03 2.49
N SER A 55 -13.23 -23.65 2.45
CA SER A 55 -13.03 -25.12 2.63
C SER A 55 -12.81 -25.53 4.09
N GLY A 56 -12.56 -24.61 5.02
CA GLY A 56 -12.03 -24.95 6.37
C GLY A 56 -10.68 -25.68 6.38
N VAL A 57 -9.87 -25.60 5.30
CA VAL A 57 -8.52 -26.26 5.24
C VAL A 57 -7.46 -25.17 5.09
N GLY A 58 -6.56 -25.03 6.06
CA GLY A 58 -5.66 -23.87 6.06
C GLY A 58 -4.81 -23.78 7.31
N PRO A 59 -4.19 -22.60 7.50
CA PRO A 59 -3.28 -22.37 8.61
C PRO A 59 -4.10 -22.10 9.88
N ASP A 60 -3.39 -21.84 10.99
CA ASP A 60 -3.91 -21.25 12.24
C ASP A 60 -4.06 -19.74 12.02
N LEU A 61 -2.92 -19.08 11.72
CA LEU A 61 -2.93 -17.63 11.37
C LEU A 61 -2.73 -17.43 9.87
N THR A 62 -3.33 -16.36 9.35
CA THR A 62 -2.98 -15.74 8.06
C THR A 62 -2.78 -14.21 8.16
N GLN A 63 -1.79 -13.72 7.42
CA GLN A 63 -1.64 -12.28 7.11
C GLN A 63 -2.81 -11.93 6.19
N LEU A 64 -3.34 -10.74 6.33
CA LEU A 64 -4.32 -10.16 5.39
C LEU A 64 -3.84 -8.76 5.07
N GLY A 65 -3.99 -8.29 3.84
CA GLY A 65 -3.95 -6.84 3.62
C GLY A 65 -5.11 -6.23 4.38
N THR A 66 -4.90 -5.03 4.94
CA THR A 66 -5.89 -4.26 5.71
C THR A 66 -7.15 -4.14 4.89
N THR A 67 -7.06 -4.15 3.55
CA THR A 67 -8.26 -3.95 2.68
C THR A 67 -9.12 -5.20 2.57
N TRP A 68 -8.58 -6.38 2.95
CA TRP A 68 -9.19 -7.72 2.82
C TRP A 68 -10.02 -8.11 4.03
N VAL A 69 -9.71 -7.55 5.20
CA VAL A 69 -10.25 -7.94 6.54
C VAL A 69 -11.78 -7.92 6.48
N GLY A 70 -12.35 -6.83 5.96
CA GLY A 70 -13.81 -6.70 5.80
C GLY A 70 -14.39 -7.96 5.21
N ALA A 71 -13.91 -8.35 4.03
CA ALA A 71 -14.51 -9.41 3.18
C ALA A 71 -14.27 -10.78 3.83
N ILE A 72 -13.13 -11.06 4.44
CA ILE A 72 -12.91 -12.41 5.04
C ILE A 72 -13.77 -12.47 6.32
N SER A 73 -13.83 -11.41 7.13
CA SER A 73 -14.56 -11.43 8.43
C SER A 73 -16.04 -11.81 8.22
N ALA A 74 -16.67 -11.21 7.20
CA ALA A 74 -18.06 -11.40 6.73
C ALA A 74 -18.35 -12.85 6.39
N MET A 75 -17.35 -13.65 6.04
CA MET A 75 -17.54 -15.09 5.74
C MET A 75 -17.74 -15.84 7.07
N GLY A 76 -17.46 -15.20 8.20
CA GLY A 76 -17.66 -15.78 9.55
C GLY A 76 -16.69 -16.91 9.84
N VAL A 77 -15.42 -16.73 9.48
CA VAL A 77 -14.36 -17.78 9.53
C VAL A 77 -13.29 -17.36 10.52
N LEU A 78 -13.36 -16.13 11.05
CA LEU A 78 -12.30 -15.52 11.89
C LEU A 78 -12.76 -15.52 13.35
N GLU A 79 -11.82 -15.84 14.23
CA GLU A 79 -11.93 -15.82 15.70
C GLU A 79 -11.93 -14.37 16.14
N PRO A 80 -12.90 -13.96 16.98
CA PRO A 80 -12.76 -12.75 17.78
C PRO A 80 -11.36 -12.68 18.38
N VAL A 81 -10.75 -11.49 18.35
CA VAL A 81 -9.43 -11.20 18.97
C VAL A 81 -9.55 -9.89 19.81
N ASP A 82 -10.74 -9.60 20.31
CA ASP A 82 -10.98 -8.43 21.22
C ASP A 82 -10.11 -8.55 22.52
N ASP A 83 -9.89 -9.83 22.89
CA ASP A 83 -9.02 -10.25 24.02
C ASP A 83 -7.53 -10.01 23.67
N VAL A 84 -7.14 -10.17 22.42
CA VAL A 84 -5.73 -9.91 22.05
C VAL A 84 -5.53 -8.38 22.06
N LEU A 85 -6.43 -7.66 21.39
CA LEU A 85 -6.28 -6.18 21.23
C LEU A 85 -6.27 -5.50 22.62
N GLU A 86 -7.07 -6.07 23.54
CA GLU A 86 -7.22 -5.62 24.96
C GLU A 86 -5.85 -5.78 25.61
N ALA A 87 -5.22 -6.93 25.43
CA ALA A 87 -3.87 -7.18 26.00
C ALA A 87 -2.80 -6.23 25.40
N LEU A 88 -3.01 -5.73 24.19
CA LEU A 88 -1.95 -4.98 23.48
C LEU A 88 -2.09 -3.49 23.84
N GLY A 89 -3.13 -3.11 24.61
CA GLY A 89 -3.42 -1.71 24.95
C GLY A 89 -4.75 -1.25 24.41
N GLY A 90 -5.40 -2.03 23.53
CA GLY A 90 -6.75 -1.70 23.02
C GLY A 90 -6.72 -0.55 22.02
N GLU A 91 -7.85 0.18 21.95
CA GLU A 91 -8.15 1.16 20.88
C GLU A 91 -7.19 2.34 20.96
N LYS A 92 -6.66 2.61 22.15
CA LYS A 92 -5.85 3.82 22.45
C LYS A 92 -4.44 3.61 21.89
N ALA A 93 -4.07 2.38 21.58
CA ALA A 93 -2.67 2.04 21.23
C ALA A 93 -2.49 2.10 19.70
N TYR A 94 -3.52 2.50 18.94
CA TYR A 94 -3.49 2.59 17.45
C TYR A 94 -3.93 3.99 16.98
N LEU A 95 -3.43 4.40 15.82
CA LEU A 95 -4.03 5.40 14.90
C LEU A 95 -5.39 4.83 14.52
N PRO A 96 -6.50 5.61 14.67
CA PRO A 96 -7.77 5.26 14.03
C PRO A 96 -7.64 4.74 12.59
N ALA A 97 -6.70 5.25 11.80
CA ALA A 97 -6.41 4.65 10.49
C ALA A 97 -6.18 3.12 10.65
N VAL A 98 -5.50 2.65 11.71
CA VAL A 98 -5.18 1.19 11.92
C VAL A 98 -6.35 0.48 12.64
N TRP A 99 -6.89 1.09 13.68
CA TRP A 99 -8.05 0.58 14.46
C TRP A 99 -9.24 0.22 13.55
N ARG A 100 -9.49 0.97 12.49
CA ARG A 100 -10.68 0.71 11.63
C ARG A 100 -10.55 -0.63 10.89
N THR A 101 -9.32 -1.14 10.74
CA THR A 101 -9.02 -2.34 9.90
C THR A 101 -9.03 -3.62 10.76
N THR A 102 -9.30 -3.55 12.07
CA THR A 102 -9.37 -4.74 12.96
C THR A 102 -10.72 -5.46 12.81
N ARG A 103 -11.62 -4.93 12.00
CA ARG A 103 -13.01 -5.48 11.97
C ARG A 103 -13.64 -5.15 10.64
N LEU A 104 -14.69 -5.92 10.29
CA LEU A 104 -15.73 -5.55 9.29
C LEU A 104 -16.38 -4.24 9.69
N GLU A 105 -16.59 -3.27 8.78
CA GLU A 105 -17.26 -1.99 9.12
C GLU A 105 -18.64 -2.34 9.71
N GLY A 106 -18.90 -1.91 10.94
CA GLY A 106 -20.21 -2.01 11.59
C GLY A 106 -20.28 -3.21 12.51
N ALA A 107 -19.37 -4.18 12.32
CA ALA A 107 -19.26 -5.43 13.09
C ALA A 107 -19.01 -5.11 14.55
N ARG A 108 -19.57 -5.94 15.43
CA ARG A 108 -19.40 -5.86 16.90
C ARG A 108 -17.92 -6.11 17.23
N GLN A 109 -17.34 -7.21 16.76
CA GLN A 109 -16.05 -7.69 17.32
C GLN A 109 -14.94 -7.72 16.29
N ALA A 110 -13.76 -7.38 16.78
CA ALA A 110 -12.45 -7.46 16.10
C ALA A 110 -12.22 -8.88 15.60
N THR A 111 -11.79 -8.98 14.34
CA THR A 111 -11.39 -10.24 13.69
C THR A 111 -9.95 -10.16 13.14
N ALA A 112 -9.23 -9.03 13.29
CA ALA A 112 -7.83 -8.82 12.83
C ALA A 112 -7.00 -8.00 13.82
N VAL A 113 -5.77 -8.47 14.06
CA VAL A 113 -4.70 -7.78 14.84
C VAL A 113 -3.75 -7.12 13.85
N PRO A 114 -3.46 -5.82 14.08
CA PRO A 114 -2.54 -5.04 13.27
C PRO A 114 -1.11 -5.54 13.41
N TRP A 115 -0.48 -5.84 12.27
CA TRP A 115 0.88 -6.43 12.25
C TRP A 115 1.88 -5.31 11.93
N PHE A 116 1.75 -4.78 10.73
CA PHE A 116 2.42 -3.53 10.32
C PHE A 116 1.52 -2.63 9.47
N SER A 117 2.01 -1.38 9.34
CA SER A 117 1.40 -0.28 8.56
CA SER A 117 1.39 -0.30 8.54
C SER A 117 2.32 0.13 7.40
N GLU A 118 1.77 0.67 6.34
CA GLU A 118 2.60 1.31 5.29
C GLU A 118 1.77 2.37 4.60
N LEU A 119 2.41 3.40 4.07
CA LEU A 119 1.70 4.44 3.32
C LEU A 119 2.56 4.94 2.16
N ARG A 120 1.92 5.61 1.21
CA ARG A 120 2.53 5.93 -0.10
C ARG A 120 2.99 7.38 -0.04
N ALA A 121 4.17 7.60 -0.59
CA ALA A 121 4.79 8.89 -0.90
C ALA A 121 5.59 8.70 -2.19
N PHE A 122 6.26 9.76 -2.63
CA PHE A 122 7.03 9.86 -3.88
C PHE A 122 8.48 9.68 -3.50
N TYR A 123 9.13 8.71 -4.10
CA TYR A 123 10.60 8.72 -4.15
C TYR A 123 10.96 9.58 -5.37
N TYR A 124 12.05 10.35 -5.25
CA TYR A 124 12.70 11.06 -6.37
C TYR A 124 14.20 10.80 -6.37
N ARG A 125 14.85 11.14 -7.48
CA ARG A 125 16.33 11.13 -7.60
C ARG A 125 16.86 12.49 -7.18
N THR A 126 17.52 12.60 -6.03
CA THR A 126 18.08 13.91 -5.59
C THR A 126 18.97 14.47 -6.72
N ASP A 127 19.84 13.64 -7.33
CA ASP A 127 20.75 14.07 -8.42
C ASP A 127 19.95 14.67 -9.59
N ALA A 128 18.88 14.01 -10.07
CA ALA A 128 18.14 14.42 -11.29
C ALA A 128 17.34 15.72 -11.08
N LEU A 129 16.68 15.92 -9.93
CA LEU A 129 15.97 17.20 -9.62
C LEU A 129 16.95 18.38 -9.51
N LYS A 130 18.19 18.13 -9.04
CA LYS A 130 19.25 19.17 -8.88
C LYS A 130 19.82 19.59 -10.23
N ALA A 131 19.88 18.69 -11.22
CA ALA A 131 20.27 18.95 -12.62
C ALA A 131 19.16 19.69 -13.39
N ALA A 132 17.89 19.36 -13.17
CA ALA A 132 16.72 20.14 -13.67
C ALA A 132 16.62 21.49 -12.97
N GLY A 133 17.32 21.69 -11.84
CA GLY A 133 17.17 22.89 -11.01
C GLY A 133 15.75 23.00 -10.45
N VAL A 134 15.20 21.86 -10.02
CA VAL A 134 13.81 21.72 -9.46
C VAL A 134 13.96 21.75 -7.92
N ASN A 135 13.23 22.64 -7.25
CA ASN A 135 13.15 22.70 -5.76
C ASN A 135 12.12 21.65 -5.34
N PRO A 136 12.49 20.55 -4.65
CA PRO A 136 11.53 19.50 -4.33
C PRO A 136 10.44 20.04 -3.40
N ALA A 137 10.74 21.04 -2.56
CA ALA A 137 9.75 21.60 -1.59
C ALA A 137 8.65 22.32 -2.38
N GLU A 138 8.95 22.82 -3.58
CA GLU A 138 7.96 23.43 -4.51
C GLU A 138 7.35 22.38 -5.44
N MET A 139 8.12 21.41 -5.96
CA MET A 139 7.55 20.42 -6.91
C MET A 139 6.37 19.66 -6.25
N PHE A 140 6.55 19.24 -5.00
CA PHE A 140 5.65 18.35 -4.20
C PHE A 140 4.80 19.15 -3.20
N ALA A 141 4.59 20.45 -3.43
CA ALA A 141 3.82 21.33 -2.52
C ALA A 141 2.35 21.31 -2.98
N SER A 142 2.13 21.30 -4.30
CA SER A 142 0.77 21.27 -4.89
C SER A 142 0.81 20.70 -6.31
N TRP A 143 -0.37 20.62 -6.92
CA TRP A 143 -0.62 20.02 -8.26
C TRP A 143 0.00 20.86 -9.38
N GLN A 144 -0.03 22.20 -9.27
CA GLN A 144 0.73 23.09 -10.19
C GLN A 144 2.22 22.84 -9.96
N GLY A 145 2.64 22.74 -8.69
CA GLY A 145 4.08 22.58 -8.34
C GLY A 145 4.63 21.34 -9.02
N PHE A 146 3.82 20.29 -9.03
CA PHE A 146 4.15 18.93 -9.51
C PHE A 146 4.34 18.92 -11.04
N GLU A 147 3.35 19.40 -11.77
CA GLU A 147 3.35 19.50 -13.25
C GLU A 147 4.56 20.37 -13.67
N ALA A 148 4.78 21.53 -13.01
CA ALA A 148 5.97 22.40 -13.18
C ALA A 148 7.26 21.60 -12.94
N GLY A 149 7.32 20.84 -11.84
CA GLY A 149 8.39 19.89 -11.56
C GLY A 149 8.61 18.96 -12.74
N LEU A 150 7.55 18.29 -13.21
CA LEU A 150 7.67 17.29 -14.32
C LEU A 150 8.09 17.95 -15.64
N ALA A 151 7.56 19.13 -16.02
CA ALA A 151 7.89 19.85 -17.28
C ALA A 151 9.39 20.14 -17.36
N ARG A 152 9.94 20.73 -16.27
CA ARG A 152 11.40 20.98 -16.04
C ARG A 152 12.24 19.70 -16.07
N LEU A 153 11.77 18.66 -15.41
CA LEU A 153 12.39 17.30 -15.48
C LEU A 153 12.37 16.77 -16.93
N LYS A 154 11.35 17.06 -17.71
CA LYS A 154 11.27 16.58 -19.11
C LYS A 154 12.29 17.34 -20.00
N ALA A 155 12.51 18.63 -19.76
CA ALA A 155 13.40 19.50 -20.56
C ALA A 155 14.87 19.38 -20.10
N SER A 156 15.14 18.73 -18.97
CA SER A 156 16.51 18.50 -18.43
C SER A 156 17.33 17.62 -19.37
N SER A 157 18.63 17.90 -19.46
CA SER A 157 19.64 17.15 -20.24
C SER A 157 20.32 16.13 -19.34
N PHE A 158 19.94 16.06 -18.06
CA PHE A 158 20.49 15.07 -17.09
C PHE A 158 20.47 13.67 -17.71
N ARG A 159 21.47 12.84 -17.42
CA ARG A 159 21.45 11.41 -17.83
C ARG A 159 21.90 10.57 -16.62
N ASP A 160 21.31 9.39 -16.38
CA ASP A 160 21.75 8.49 -15.28
C ASP A 160 23.22 8.13 -15.52
N PRO A 161 24.07 8.14 -14.47
CA PRO A 161 25.49 7.79 -14.59
C PRO A 161 25.74 6.40 -15.20
N GLU A 162 24.89 5.43 -14.89
CA GLU A 162 25.06 3.98 -15.19
C GLU A 162 24.37 3.60 -16.50
N THR A 163 23.24 4.23 -16.84
CA THR A 163 22.48 3.93 -18.09
C THR A 163 22.88 4.94 -19.16
N LYS A 164 23.60 6.00 -18.76
CA LYS A 164 24.01 7.15 -19.62
C LYS A 164 22.82 7.45 -20.54
N ALA A 165 21.62 7.52 -19.98
CA ALA A 165 20.37 7.84 -20.71
C ALA A 165 19.54 8.79 -19.87
N PRO A 166 18.74 9.69 -20.51
CA PRO A 166 17.79 10.53 -19.80
C PRO A 166 16.72 9.72 -19.05
N LEU A 167 16.11 10.39 -18.08
CA LEU A 167 15.20 9.80 -17.07
C LEU A 167 13.76 10.13 -17.47
N ALA A 168 12.88 9.13 -17.37
CA ALA A 168 11.42 9.33 -17.30
C ALA A 168 11.13 10.30 -16.16
N PRO A 169 10.32 11.36 -16.38
CA PRO A 169 10.03 12.29 -15.30
C PRO A 169 9.19 11.66 -14.17
N LEU A 170 7.99 11.13 -14.47
CA LEU A 170 7.18 10.23 -13.58
C LEU A 170 7.16 8.81 -14.18
N CYS A 171 7.43 7.79 -13.38
CA CYS A 171 7.02 6.42 -13.74
C CYS A 171 5.85 5.97 -12.85
N THR A 172 4.79 5.49 -13.51
CA THR A 172 3.53 4.91 -13.00
C THR A 172 3.06 3.86 -14.03
N PRO A 173 2.46 2.75 -13.57
CA PRO A 173 2.00 1.70 -14.47
C PRO A 173 0.65 1.98 -15.17
N GLY A 174 0.49 1.49 -16.37
CA GLY A 174 -0.67 1.74 -17.22
C GLY A 174 -1.35 0.43 -17.48
N ARG A 175 -0.82 -0.68 -16.95
CA ARG A 175 -1.49 -1.98 -17.06
C ARG A 175 -2.73 -1.93 -16.15
N THR A 176 -3.73 -2.76 -16.39
CA THR A 176 -4.88 -2.82 -15.46
C THR A 176 -4.33 -3.01 -14.04
N PRO A 177 -4.47 -2.02 -13.14
CA PRO A 177 -3.95 -2.16 -11.79
C PRO A 177 -4.62 -3.28 -10.99
N ARG A 178 -3.95 -3.78 -9.98
CA ARG A 178 -4.59 -4.66 -8.96
C ARG A 178 -5.46 -3.78 -8.06
N THR A 179 -4.97 -2.58 -7.72
CA THR A 179 -5.64 -1.68 -6.75
C THR A 179 -5.63 -0.24 -7.23
N LEU A 180 -6.50 0.53 -6.57
CA LEU A 180 -6.62 2.02 -6.71
C LEU A 180 -5.63 2.70 -5.77
N HIS A 181 -4.70 1.95 -5.14
CA HIS A 181 -3.56 2.53 -4.38
C HIS A 181 -2.91 3.73 -5.09
N ASN A 182 -2.73 3.71 -6.44
CA ASN A 182 -1.94 4.78 -7.12
C ASN A 182 -2.82 6.00 -7.38
N ALA A 183 -4.08 5.78 -7.70
CA ALA A 183 -5.09 6.75 -8.16
C ALA A 183 -5.78 7.43 -6.97
N ALA A 184 -6.04 6.69 -5.89
CA ALA A 184 -6.82 7.16 -4.71
C ALA A 184 -6.36 8.57 -4.28
N PRO A 185 -5.07 8.83 -4.01
CA PRO A 185 -4.65 10.17 -3.57
C PRO A 185 -5.08 11.30 -4.49
N TRP A 186 -5.08 11.05 -5.81
CA TRP A 186 -5.56 12.02 -6.82
C TRP A 186 -7.05 12.25 -6.66
N ILE A 187 -7.81 11.16 -6.46
CA ILE A 187 -9.28 11.18 -6.24
C ILE A 187 -9.55 11.99 -4.97
N TRP A 188 -8.74 11.75 -3.95
CA TRP A 188 -9.02 12.31 -2.60
C TRP A 188 -8.63 13.80 -2.57
N GLY A 189 -7.48 14.13 -3.14
CA GLY A 189 -6.92 15.50 -3.07
C GLY A 189 -7.78 16.47 -3.86
N ALA A 190 -8.60 15.97 -4.79
CA ALA A 190 -9.51 16.80 -5.59
C ALA A 190 -10.83 16.99 -4.83
N GLY A 191 -10.94 16.49 -3.60
CA GLY A 191 -12.20 16.46 -2.86
C GLY A 191 -13.01 15.23 -3.12
N GLY A 192 -12.53 14.25 -3.90
CA GLY A 192 -13.36 13.12 -4.36
C GLY A 192 -13.26 11.93 -3.41
N GLU A 193 -14.02 10.87 -3.67
CA GLU A 193 -13.88 9.58 -2.96
C GLU A 193 -14.32 8.43 -3.86
N ILE A 194 -14.09 7.21 -3.41
CA ILE A 194 -14.26 6.02 -4.28
C ILE A 194 -15.68 5.50 -4.09
N VAL A 195 -16.09 5.37 -2.83
CA VAL A 195 -17.53 5.14 -2.44
C VAL A 195 -17.91 6.18 -1.40
N ARG A 196 -19.19 6.47 -1.27
CA ARG A 196 -19.73 7.47 -0.32
C ARG A 196 -20.85 6.81 0.51
N GLN A 197 -20.90 7.12 1.79
CA GLN A 197 -21.96 6.59 2.69
C GLN A 197 -23.04 7.68 2.80
N ALA A 198 -24.25 7.42 2.30
CA ALA A 198 -25.36 8.40 2.42
C ALA A 198 -26.69 7.68 2.31
N GLY A 199 -27.71 8.14 3.04
CA GLY A 199 -29.05 7.56 2.99
C GLY A 199 -29.07 6.09 3.42
N GLY A 200 -28.24 5.72 4.40
CA GLY A 200 -28.12 4.33 4.91
C GLY A 200 -27.68 3.39 3.81
N ARG A 201 -26.79 3.84 2.91
CA ARG A 201 -26.17 2.97 1.86
C ARG A 201 -24.85 3.55 1.38
N TRP A 202 -23.93 2.70 0.93
CA TRP A 202 -22.68 3.10 0.24
C TRP A 202 -22.99 3.11 -1.27
N GLN A 203 -22.64 4.18 -1.98
CA GLN A 203 -22.72 4.24 -3.46
C GLN A 203 -21.33 4.61 -3.98
N SER A 204 -21.05 4.31 -5.26
CA SER A 204 -19.88 4.76 -6.02
C SER A 204 -19.85 6.29 -6.05
N ALA A 205 -18.72 6.93 -5.78
CA ALA A 205 -18.58 8.37 -6.06
C ALA A 205 -17.48 8.52 -7.12
N LEU A 206 -17.12 7.42 -7.78
CA LEU A 206 -16.02 7.41 -8.82
C LEU A 206 -16.35 8.43 -9.91
N ASN A 207 -17.64 8.63 -10.18
CA ASN A 207 -18.08 9.53 -11.26
C ASN A 207 -18.41 10.94 -10.74
N SER A 208 -18.07 11.35 -9.51
CA SER A 208 -18.30 12.74 -9.06
C SER A 208 -17.40 13.70 -9.85
N PRO A 209 -17.85 14.95 -10.10
CA PRO A 209 -16.98 16.01 -10.59
C PRO A 209 -15.59 15.96 -9.93
N GLU A 210 -15.58 15.77 -8.61
CA GLU A 210 -14.34 15.83 -7.79
C GLU A 210 -13.41 14.68 -8.17
N SER A 211 -13.97 13.47 -8.17
CA SER A 211 -13.28 12.18 -8.43
C SER A 211 -12.75 12.21 -9.87
N LEU A 212 -13.54 12.67 -10.84
CA LEU A 212 -13.06 12.76 -12.25
C LEU A 212 -11.95 13.81 -12.39
N GLU A 213 -12.05 14.91 -11.63
CA GLU A 213 -11.03 15.98 -11.70
C GLU A 213 -9.69 15.36 -11.32
N GLY A 214 -9.70 14.63 -10.22
CA GLY A 214 -8.51 13.94 -9.69
C GLY A 214 -7.97 12.92 -10.65
N LEU A 215 -8.82 12.01 -11.11
CA LEU A 215 -8.37 10.94 -12.02
C LEU A 215 -7.77 11.58 -13.28
N TYR A 216 -8.54 12.45 -13.98
CA TYR A 216 -8.10 13.12 -15.24
C TYR A 216 -6.79 13.87 -15.00
N PHE A 217 -6.66 14.64 -13.92
CA PHE A 217 -5.39 15.36 -13.65
C PHE A 217 -4.23 14.34 -13.70
N PHE A 218 -4.39 13.20 -13.01
CA PHE A 218 -3.37 12.13 -12.81
C PHE A 218 -3.05 11.47 -14.16
N LEU A 219 -4.09 10.95 -14.81
CA LEU A 219 -3.93 10.23 -16.10
C LEU A 219 -3.44 11.19 -17.19
N SER A 220 -3.86 12.45 -17.23
CA SER A 220 -3.45 13.40 -18.31
C SER A 220 -1.96 13.72 -18.20
N LEU A 221 -1.34 13.62 -17.01
CA LEU A 221 0.14 13.77 -16.88
C LEU A 221 0.84 12.83 -17.87
N ALA A 222 0.30 11.63 -18.03
CA ALA A 222 0.84 10.59 -18.92
C ALA A 222 0.58 11.03 -20.37
N GLN A 223 -0.54 11.72 -20.60
CA GLN A 223 -0.99 12.15 -21.93
C GLN A 223 -0.18 13.38 -22.35
N LYS A 224 0.53 14.04 -21.43
CA LYS A 224 1.39 15.21 -21.74
C LYS A 224 2.87 14.83 -21.85
N GLY A 225 3.29 13.57 -21.75
CA GLY A 225 4.70 13.17 -22.00
C GLY A 225 5.59 13.20 -20.77
N TYR A 226 5.00 13.20 -19.58
CA TYR A 226 5.72 13.11 -18.27
C TYR A 226 5.95 11.63 -17.94
N VAL A 227 4.99 10.79 -18.33
CA VAL A 227 5.06 9.30 -18.26
C VAL A 227 5.34 8.80 -19.67
N PRO A 228 6.43 8.04 -19.91
CA PRO A 228 6.78 7.61 -21.26
C PRO A 228 5.84 6.44 -21.63
N ALA A 229 5.71 6.11 -22.91
CA ALA A 229 4.72 5.11 -23.39
C ALA A 229 5.04 3.75 -22.77
N GLU A 230 6.34 3.44 -22.68
CA GLU A 230 6.85 2.15 -22.17
C GLU A 230 6.32 1.86 -20.75
N SER A 231 6.12 2.87 -19.89
CA SER A 231 5.54 2.66 -18.52
C SER A 231 4.07 2.27 -18.64
N LEU A 232 3.32 2.82 -19.61
CA LEU A 232 1.88 2.50 -19.82
C LEU A 232 1.68 0.99 -19.97
N GLU A 233 2.72 0.26 -20.39
CA GLU A 233 2.60 -1.18 -20.72
C GLU A 233 3.10 -2.09 -19.58
N LYS A 234 3.59 -1.49 -18.48
CA LYS A 234 4.17 -2.16 -17.30
C LYS A 234 3.22 -2.08 -16.10
N ASN A 235 3.45 -2.96 -15.13
CA ASN A 235 2.65 -3.11 -13.89
C ASN A 235 3.51 -2.51 -12.79
N THR A 236 2.99 -2.46 -11.56
CA THR A 236 3.71 -1.81 -10.44
C THR A 236 5.13 -2.36 -10.37
N ALA A 237 5.31 -3.67 -10.34
CA ALA A 237 6.61 -4.31 -9.97
C ALA A 237 7.65 -3.99 -11.03
N GLN A 238 7.21 -3.98 -12.30
CA GLN A 238 8.03 -3.53 -13.45
C GLN A 238 8.46 -2.07 -13.28
N ILE A 239 7.56 -1.17 -12.87
CA ILE A 239 7.87 0.30 -12.78
C ILE A 239 8.89 0.45 -11.64
N GLU A 240 8.85 -0.44 -10.65
CA GLU A 240 9.72 -0.39 -9.44
C GLU A 240 11.13 -0.84 -9.79
N ALA A 241 11.30 -1.94 -10.56
CA ALA A 241 12.61 -2.35 -11.14
C ALA A 241 13.18 -1.17 -11.93
N ASP A 242 12.35 -0.46 -12.66
CA ASP A 242 12.78 0.65 -13.55
C ASP A 242 13.21 1.87 -12.72
N PHE A 243 12.52 2.18 -11.61
CA PHE A 243 13.01 3.25 -10.70
C PHE A 243 14.43 2.88 -10.19
N GLN A 244 14.60 1.61 -9.81
CA GLN A 244 15.85 1.03 -9.26
C GLN A 244 16.95 0.97 -10.34
N ALA A 245 16.61 0.69 -11.60
CA ALA A 245 17.59 0.57 -12.70
C ALA A 245 17.83 1.92 -13.40
N GLY A 246 17.25 3.02 -12.91
CA GLY A 246 17.71 4.38 -13.28
C GLY A 246 16.94 4.98 -14.45
N LYS A 247 15.73 4.50 -14.70
CA LYS A 247 14.91 4.97 -15.85
C LYS A 247 13.91 6.06 -15.44
N CYS A 248 13.65 6.25 -14.14
CA CYS A 248 12.60 7.15 -13.57
C CYS A 248 13.16 8.05 -12.49
N ALA A 249 12.78 9.34 -12.51
CA ALA A 249 13.24 10.35 -11.53
C ALA A 249 12.26 10.43 -10.37
N VAL A 250 11.03 9.91 -10.52
CA VAL A 250 9.88 10.15 -9.60
C VAL A 250 8.93 8.94 -9.66
N PHE A 251 8.58 8.40 -8.52
CA PHE A 251 7.83 7.13 -8.48
C PHE A 251 7.20 6.93 -7.10
N ALA A 252 5.89 6.69 -7.05
CA ALA A 252 5.11 6.61 -5.80
C ALA A 252 5.24 5.20 -5.25
N SER A 253 5.66 5.00 -4.01
CA SER A 253 5.69 3.64 -3.41
C SER A 253 5.59 3.68 -1.89
N GLY A 254 5.79 2.53 -1.28
CA GLY A 254 5.75 2.42 0.18
C GLY A 254 7.16 2.51 0.72
N PRO A 255 7.24 2.50 2.05
CA PRO A 255 8.49 2.72 2.76
C PRO A 255 9.50 1.59 2.69
N TRP A 256 9.07 0.38 2.38
CA TRP A 256 9.97 -0.80 2.22
C TRP A 256 11.13 -0.48 1.27
N MET A 257 10.94 0.46 0.36
CA MET A 257 12.00 0.62 -0.66
C MET A 257 13.19 1.36 -0.02
N ILE A 258 13.04 1.98 1.16
CA ILE A 258 14.19 2.54 1.95
C ILE A 258 15.12 1.40 2.42
N GLN A 259 14.53 0.36 3.02
CA GLN A 259 15.18 -0.92 3.43
C GLN A 259 15.91 -1.57 2.24
N ARG A 260 15.23 -1.79 1.12
CA ARG A 260 15.79 -2.53 -0.04
C ARG A 260 16.97 -1.75 -0.64
N ALA A 261 16.98 -0.41 -0.53
CA ALA A 261 18.05 0.47 -1.05
C ALA A 261 19.37 0.22 -0.31
N GLN A 262 19.32 -0.18 0.96
CA GLN A 262 20.52 -0.56 1.74
C GLN A 262 20.91 -2.03 1.48
N VAL A 263 20.15 -2.79 0.70
CA VAL A 263 20.45 -4.24 0.48
C VAL A 263 21.01 -4.47 -0.92
N PRO A 264 21.99 -5.39 -1.07
CA PRO A 264 22.59 -5.70 -2.37
C PRO A 264 21.60 -6.34 -3.35
N GLU A 265 21.75 -6.09 -4.66
CA GLU A 265 20.82 -6.63 -5.67
C GLU A 265 20.71 -8.15 -5.54
N ALA A 266 21.82 -8.84 -5.28
CA ALA A 266 21.87 -10.31 -5.05
C ALA A 266 20.88 -10.70 -3.95
N LYS A 267 20.77 -9.89 -2.89
CA LYS A 267 19.95 -10.21 -1.69
C LYS A 267 18.55 -9.60 -1.81
N GLY A 268 18.16 -9.08 -2.98
CA GLY A 268 16.79 -8.68 -3.30
C GLY A 268 16.55 -7.20 -3.05
N GLY A 269 17.61 -6.37 -3.13
CA GLY A 269 17.55 -4.91 -3.01
C GLY A 269 18.12 -4.22 -4.24
N PHE A 270 18.66 -3.01 -4.10
CA PHE A 270 19.28 -2.28 -5.25
C PHE A 270 20.41 -1.34 -4.80
N ALA A 271 21.11 -1.63 -3.69
CA ALA A 271 22.10 -0.73 -3.02
C ALA A 271 23.15 -0.22 -4.02
N GLU A 272 23.60 -1.08 -4.94
CA GLU A 272 24.69 -0.73 -5.88
C GLU A 272 24.19 0.29 -6.91
N ARG A 273 22.88 0.35 -7.15
CA ARG A 273 22.28 1.26 -8.16
C ARG A 273 22.50 2.70 -7.72
N THR A 274 22.47 3.63 -8.67
CA THR A 274 22.64 5.08 -8.46
C THR A 274 21.44 5.63 -7.70
N ALA A 275 20.25 5.19 -8.12
CA ALA A 275 18.95 5.47 -7.47
C ALA A 275 19.13 5.42 -5.95
N ALA A 276 19.82 4.40 -5.44
CA ALA A 276 19.93 4.08 -3.99
C ALA A 276 20.83 5.10 -3.26
N LYS A 277 21.82 5.63 -3.97
CA LYS A 277 22.84 6.57 -3.46
C LYS A 277 22.30 7.98 -3.54
N ASN A 278 21.25 8.20 -4.36
CA ASN A 278 20.67 9.54 -4.61
C ASN A 278 19.16 9.49 -4.43
N LEU A 279 18.73 9.23 -3.19
CA LEU A 279 17.34 8.81 -2.87
C LEU A 279 16.62 9.87 -2.04
N GLY A 280 15.57 10.45 -2.59
CA GLY A 280 14.72 11.40 -1.86
C GLY A 280 13.32 10.84 -1.68
N VAL A 281 12.59 11.35 -0.70
CA VAL A 281 11.16 11.04 -0.41
C VAL A 281 10.49 12.39 -0.17
N ALA A 282 9.37 12.67 -0.82
CA ALA A 282 8.44 13.76 -0.48
C ALA A 282 7.00 13.23 -0.44
N PRO A 283 6.12 13.74 0.45
CA PRO A 283 4.75 13.28 0.51
C PRO A 283 3.99 13.72 -0.75
N TYR A 284 2.81 13.14 -1.01
CA TYR A 284 1.97 13.60 -2.13
C TYR A 284 1.80 15.11 -1.90
N PRO A 285 1.74 15.92 -2.97
CA PRO A 285 1.45 17.34 -2.87
C PRO A 285 -0.04 17.53 -2.52
N ALA A 286 -0.37 18.62 -1.83
CA ALA A 286 -1.77 19.02 -1.56
C ALA A 286 -2.53 19.15 -2.89
N GLY A 287 -3.76 18.62 -2.94
CA GLY A 287 -4.69 18.84 -4.06
C GLY A 287 -5.44 20.16 -3.87
N PRO A 288 -6.45 20.47 -4.71
CA PRO A 288 -7.40 21.54 -4.42
C PRO A 288 -8.17 21.36 -3.10
N LYS A 289 -8.40 20.14 -2.60
CA LYS A 289 -9.24 19.97 -1.36
C LYS A 289 -8.52 19.18 -0.27
N GLY A 290 -7.21 19.11 -0.28
CA GLY A 290 -6.45 18.57 0.86
C GLY A 290 -5.20 17.81 0.41
N ARG A 291 -4.39 17.40 1.38
CA ARG A 291 -3.32 16.39 1.19
C ARG A 291 -3.91 15.05 1.64
N TYR A 292 -3.85 14.02 0.79
CA TYR A 292 -4.13 12.63 1.21
C TYR A 292 -3.09 11.71 0.60
N THR A 293 -2.87 10.61 1.30
CA THR A 293 -2.14 9.44 0.76
C THR A 293 -2.86 8.20 1.28
N PHE A 294 -2.80 7.15 0.48
CA PHE A 294 -3.20 5.77 0.83
C PHE A 294 -2.36 5.26 2.00
N PHE A 295 -3.04 4.97 3.10
CA PHE A 295 -2.53 4.35 4.34
C PHE A 295 -3.01 2.91 4.44
N GLY A 296 -2.11 1.92 4.48
CA GLY A 296 -2.49 0.50 4.52
C GLY A 296 -1.66 -0.30 5.49
N GLY A 297 -1.29 -1.49 5.05
CA GLY A 297 -0.59 -2.50 5.84
C GLY A 297 -1.34 -3.80 5.93
N SER A 298 -0.90 -4.65 6.84
CA SER A 298 -1.39 -6.04 6.96
C SER A 298 -1.72 -6.31 8.41
N ASN A 299 -2.68 -7.21 8.60
CA ASN A 299 -3.14 -7.64 9.93
C ASN A 299 -2.98 -9.17 9.99
N LEU A 300 -3.11 -9.77 11.17
CA LEU A 300 -3.09 -11.24 11.35
C LEU A 300 -4.46 -11.62 11.90
N ALA A 301 -5.00 -12.74 11.40
CA ALA A 301 -6.31 -13.27 11.82
C ALA A 301 -6.20 -14.79 11.98
N LEU A 302 -7.02 -15.26 12.90
CA LEU A 302 -7.07 -16.63 13.40
C LEU A 302 -8.33 -17.23 12.80
N PHE A 303 -8.17 -18.26 11.99
CA PHE A 303 -9.30 -19.10 11.54
C PHE A 303 -10.00 -19.75 12.72
N ASN A 304 -11.34 -19.65 12.83
CA ASN A 304 -12.07 -20.21 13.99
C ASN A 304 -12.09 -21.75 13.88
N PHE A 305 -11.62 -22.34 12.77
CA PHE A 305 -11.54 -23.82 12.59
C PHE A 305 -10.13 -24.33 12.94
N SER A 306 -9.19 -23.43 13.22
CA SER A 306 -7.91 -23.78 13.88
C SER A 306 -8.17 -24.61 15.16
N LYS A 307 -7.37 -25.65 15.35
CA LYS A 307 -7.30 -26.48 16.57
C LYS A 307 -6.14 -26.06 17.50
N ASN A 308 -5.49 -24.90 17.28
CA ASN A 308 -4.35 -24.44 18.11
C ASN A 308 -4.60 -22.99 18.53
N LYS A 309 -5.86 -22.69 18.88
CA LYS A 309 -6.38 -21.29 19.08
C LYS A 309 -5.70 -20.61 20.27
N PRO A 310 -5.42 -21.32 21.40
CA PRO A 310 -4.71 -20.73 22.53
C PRO A 310 -3.30 -20.28 22.10
N LEU A 311 -2.45 -21.21 21.66
CA LEU A 311 -1.07 -20.84 21.24
C LEU A 311 -1.16 -19.72 20.20
N ALA A 312 -2.09 -19.84 19.25
CA ALA A 312 -2.17 -18.88 18.13
C ALA A 312 -2.49 -17.47 18.67
N LYS A 313 -3.27 -17.34 19.77
CA LYS A 313 -3.50 -16.03 20.42
C LYS A 313 -2.22 -15.52 21.10
N GLU A 314 -1.42 -16.32 21.77
CA GLU A 314 -0.14 -15.84 22.36
CA GLU A 314 -0.15 -15.82 22.38
C GLU A 314 0.82 -15.43 21.23
N LEU A 315 0.71 -16.05 20.07
CA LEU A 315 1.60 -15.69 18.92
C LEU A 315 1.10 -14.38 18.32
N LEU A 316 -0.23 -14.22 18.26
CA LEU A 316 -0.83 -12.88 17.95
C LEU A 316 -0.33 -11.82 18.94
N LYS A 317 -0.45 -12.10 20.23
CA LYS A 317 -0.07 -11.12 21.27
C LYS A 317 1.43 -10.86 21.10
N TYR A 318 2.18 -11.88 20.71
CA TYR A 318 3.63 -11.73 20.49
C TYR A 318 3.89 -10.81 19.32
N LEU A 319 3.44 -11.21 18.13
CA LEU A 319 3.66 -10.46 16.86
C LEU A 319 3.16 -9.00 16.97
N GLY A 320 2.10 -8.75 17.74
CA GLY A 320 1.43 -7.44 17.84
C GLY A 320 2.05 -6.53 18.88
N GLY A 321 2.95 -7.05 19.72
CA GLY A 321 3.52 -6.35 20.88
C GLY A 321 4.81 -5.61 20.56
N PRO A 322 5.16 -4.59 21.38
CA PRO A 322 6.16 -3.60 21.00
C PRO A 322 7.45 -4.20 20.43
N GLU A 323 8.03 -5.22 21.08
CA GLU A 323 9.37 -5.71 20.74
C GLU A 323 9.30 -6.35 19.34
N ALA A 324 8.42 -7.33 19.13
CA ALA A 324 8.32 -7.97 17.80
C ALA A 324 7.84 -6.92 16.78
N GLN A 325 7.18 -5.86 17.22
CA GLN A 325 6.72 -4.80 16.30
C GLN A 325 7.96 -4.08 15.74
N VAL A 326 8.89 -3.74 16.62
CA VAL A 326 10.16 -3.05 16.26
C VAL A 326 10.94 -3.94 15.31
N ARG A 327 11.17 -5.19 15.73
CA ARG A 327 12.04 -6.21 15.09
C ARG A 327 11.62 -6.41 13.63
N TYR A 328 10.33 -6.58 13.35
CA TYR A 328 9.85 -6.97 12.00
C TYR A 328 9.81 -5.76 11.06
N ALA A 329 9.43 -4.58 11.58
CA ALA A 329 9.48 -3.31 10.80
C ALA A 329 10.91 -3.05 10.33
N GLN A 330 11.92 -3.45 11.11
CA GLN A 330 13.35 -3.23 10.74
C GLN A 330 13.77 -4.15 9.59
N MET A 331 13.28 -5.39 9.63
CA MET A 331 13.54 -6.47 8.66
C MET A 331 12.82 -6.12 7.35
N THR A 332 11.54 -5.69 7.42
CA THR A 332 10.67 -5.50 6.22
C THR A 332 10.85 -4.07 5.67
N GLY A 333 11.27 -3.11 6.50
CA GLY A 333 11.25 -1.70 6.07
C GLY A 333 9.83 -1.12 6.04
N MET A 334 8.86 -1.80 6.67
CA MET A 334 7.52 -1.20 6.94
C MET A 334 7.54 -0.44 8.28
N LEU A 335 6.39 0.04 8.69
CA LEU A 335 6.17 0.75 9.98
C LEU A 335 5.43 -0.15 10.94
N PRO A 336 5.72 -0.08 12.23
CA PRO A 336 4.91 -0.82 13.19
C PRO A 336 3.49 -0.27 13.10
N ALA A 337 2.55 -1.12 13.49
CA ALA A 337 1.10 -0.87 13.53
C ALA A 337 0.74 -0.24 14.88
N LEU A 338 1.52 -0.56 15.90
CA LEU A 338 1.36 -0.12 17.30
C LEU A 338 2.03 1.24 17.41
N ARG A 339 1.25 2.25 17.79
CA ARG A 339 1.72 3.65 17.85
C ARG A 339 3.00 3.83 18.68
N SER A 340 3.17 3.11 19.78
CA SER A 340 4.29 3.33 20.73
C SER A 340 5.62 2.99 20.01
N ALA A 341 5.62 1.98 19.15
CA ALA A 341 6.81 1.44 18.44
C ALA A 341 7.33 2.42 17.40
N TRP A 342 6.58 3.43 17.03
CA TRP A 342 7.03 4.48 16.09
C TRP A 342 8.14 5.38 16.64
N SER A 343 8.22 5.57 17.95
CA SER A 343 9.26 6.36 18.63
C SER A 343 10.66 5.75 18.48
N ASP A 344 10.76 4.44 18.21
CA ASP A 344 12.08 3.76 18.20
C ASP A 344 13.01 4.61 17.34
N PRO A 345 14.27 4.81 17.77
CA PRO A 345 15.22 5.68 17.07
C PRO A 345 15.57 5.17 15.66
N SER A 346 15.54 3.85 15.48
CA SER A 346 15.61 3.17 14.16
C SER A 346 14.66 3.85 13.16
N PHE A 347 13.41 4.17 13.53
CA PHE A 347 12.45 4.82 12.60
C PHE A 347 12.65 6.34 12.64
N GLN A 348 12.76 6.94 13.81
CA GLN A 348 12.85 8.42 13.96
C GLN A 348 14.14 8.96 13.31
N GLN A 349 15.28 8.31 13.48
CA GLN A 349 16.58 8.86 13.01
C GLN A 349 16.93 8.40 11.59
N ASN A 350 16.00 7.77 10.86
CA ASN A 350 16.16 7.46 9.42
C ASN A 350 15.48 8.60 8.67
N PRO A 351 16.21 9.50 7.99
CA PRO A 351 15.61 10.74 7.51
C PRO A 351 14.54 10.43 6.45
N LEU A 352 14.74 9.41 5.62
CA LEU A 352 13.75 9.11 4.54
C LEU A 352 12.46 8.59 5.17
N LEU A 353 12.59 7.67 6.14
CA LEU A 353 11.44 7.05 6.86
C LEU A 353 10.70 8.11 7.68
N ARG A 354 11.40 9.18 8.07
CA ARG A 354 10.83 10.35 8.80
C ARG A 354 9.73 11.03 7.98
N THR A 355 9.95 11.23 6.68
CA THR A 355 8.95 11.85 5.77
C THR A 355 7.70 10.98 5.67
N PHE A 356 7.86 9.66 5.65
CA PHE A 356 6.72 8.70 5.61
C PHE A 356 5.95 8.91 6.92
N ILE A 357 6.68 9.02 8.03
CA ILE A 357 6.08 9.21 9.39
C ILE A 357 5.29 10.52 9.46
N GLN A 358 5.90 11.65 9.15
CA GLN A 358 5.18 12.94 8.97
C GLN A 358 4.09 12.82 7.90
N ALA A 359 4.25 12.04 6.81
CA ALA A 359 3.17 11.99 5.77
C ALA A 359 1.89 11.35 6.36
N ALA A 360 2.08 10.50 7.38
CA ALA A 360 1.04 9.65 8.00
C ALA A 360 -0.07 10.49 8.66
N GLN A 361 0.17 11.77 8.96
CA GLN A 361 -0.86 12.75 9.42
C GLN A 361 -2.01 12.85 8.40
N PHE A 362 -1.72 12.52 7.12
CA PHE A 362 -2.61 12.67 5.93
C PHE A 362 -2.99 11.28 5.35
N GLY A 363 -2.53 10.20 5.98
CA GLY A 363 -2.97 8.81 5.70
C GLY A 363 -4.48 8.72 5.63
N ARG A 364 -5.01 8.18 4.56
CA ARG A 364 -6.46 7.90 4.46
C ARG A 364 -6.64 6.41 4.14
N THR A 365 -7.74 5.84 4.60
CA THR A 365 -8.02 4.39 4.45
C THR A 365 -9.32 4.19 3.65
N TYR A 366 -9.47 3.02 3.05
CA TYR A 366 -10.72 2.47 2.47
C TYR A 366 -11.67 2.02 3.59
N PRO A 367 -13.01 2.19 3.47
CA PRO A 367 -13.91 1.57 4.44
C PRO A 367 -13.75 0.05 4.31
N SER A 368 -13.89 -0.62 5.44
CA SER A 368 -13.67 -2.08 5.65
C SER A 368 -15.00 -2.77 5.35
N LEU A 369 -15.44 -2.69 4.12
CA LEU A 369 -16.75 -3.23 3.68
C LEU A 369 -16.54 -4.67 3.18
N ALA A 370 -17.48 -5.57 3.48
CA ALA A 370 -17.47 -6.98 3.04
C ALA A 370 -17.26 -7.04 1.52
N GLY A 371 -17.73 -5.99 0.82
CA GLY A 371 -17.88 -5.93 -0.63
C GLY A 371 -16.68 -5.23 -1.23
N TRP A 372 -15.69 -4.88 -0.40
CA TRP A 372 -14.69 -3.89 -0.79
C TRP A 372 -13.89 -4.41 -2.00
N GLY A 373 -13.60 -5.70 -2.03
CA GLY A 373 -12.86 -6.37 -3.11
C GLY A 373 -13.63 -6.18 -4.39
N GLY A 374 -14.95 -6.37 -4.34
CA GLY A 374 -15.82 -6.31 -5.52
C GLY A 374 -15.86 -4.91 -6.09
N VAL A 375 -15.89 -3.91 -5.21
CA VAL A 375 -15.85 -2.48 -5.65
C VAL A 375 -14.52 -2.21 -6.38
N GLU A 376 -13.41 -2.58 -5.72
CA GLU A 376 -12.04 -2.19 -6.15
C GLU A 376 -11.75 -2.84 -7.50
N ASN A 377 -12.28 -4.04 -7.72
CA ASN A 377 -12.04 -4.85 -8.93
C ASN A 377 -12.71 -4.20 -10.12
N LEU A 378 -13.91 -3.67 -9.93
CA LEU A 378 -14.66 -2.99 -10.99
C LEU A 378 -14.09 -1.60 -11.26
N ALA A 379 -13.70 -0.87 -10.20
CA ALA A 379 -12.96 0.41 -10.33
C ALA A 379 -11.77 0.19 -11.31
N VAL A 380 -10.91 -0.77 -10.98
CA VAL A 380 -9.56 -0.97 -11.61
C VAL A 380 -9.71 -1.46 -13.04
N GLN A 381 -10.68 -2.34 -13.31
CA GLN A 381 -11.07 -2.80 -14.65
C GLN A 381 -11.37 -1.57 -15.53
N HIS A 382 -12.23 -0.66 -15.04
CA HIS A 382 -12.62 0.59 -15.73
C HIS A 382 -11.40 1.49 -15.85
N LEU A 383 -10.59 1.59 -14.79
CA LEU A 383 -9.39 2.47 -14.78
C LEU A 383 -8.45 1.97 -15.87
N GLY A 384 -8.38 0.65 -16.06
CA GLY A 384 -7.49 0.04 -17.06
C GLY A 384 -7.92 0.40 -18.47
N MET A 385 -9.23 0.57 -18.68
CA MET A 385 -9.76 0.99 -19.99
C MET A 385 -9.40 2.49 -20.19
N ALA A 386 -9.29 3.29 -19.09
CA ALA A 386 -8.84 4.69 -19.16
C ALA A 386 -7.35 4.78 -19.53
N TRP A 387 -6.47 3.97 -18.89
CA TRP A 387 -5.04 3.87 -19.28
C TRP A 387 -4.90 3.54 -20.77
N ASP A 388 -5.71 2.64 -21.28
CA ASP A 388 -5.61 2.26 -22.70
C ASP A 388 -5.94 3.47 -23.58
N LEU A 389 -6.79 4.39 -23.17
CA LEU A 389 -7.12 5.56 -24.00
C LEU A 389 -5.94 6.51 -23.87
N VAL A 390 -5.34 6.62 -22.68
CA VAL A 390 -4.14 7.50 -22.52
C VAL A 390 -3.09 6.98 -23.51
N ALA A 391 -3.00 5.66 -23.70
CA ALA A 391 -1.94 5.02 -24.52
C ALA A 391 -2.16 5.35 -25.99
N GLN A 392 -3.34 5.91 -26.33
CA GLN A 392 -3.74 6.39 -27.68
C GLN A 392 -3.63 7.90 -27.81
N GLY A 393 -3.42 8.62 -26.71
CA GLY A 393 -3.58 10.09 -26.65
C GLY A 393 -5.04 10.47 -26.71
N ARG A 394 -5.95 9.56 -26.30
CA ARG A 394 -7.40 9.72 -26.59
C ARG A 394 -8.22 9.83 -25.30
N LEU A 395 -7.60 9.83 -24.12
CA LEU A 395 -8.38 10.14 -22.90
C LEU A 395 -8.80 11.63 -22.90
N THR A 396 -10.10 11.86 -23.03
CA THR A 396 -10.75 13.19 -22.92
C THR A 396 -11.64 13.17 -21.66
N ARG A 397 -12.17 14.32 -21.26
CA ARG A 397 -12.93 14.42 -19.98
C ARG A 397 -14.16 13.54 -20.13
N GLU A 398 -14.78 13.50 -21.30
CA GLU A 398 -16.11 12.87 -21.49
C GLU A 398 -15.89 11.35 -21.58
N ALA A 399 -14.88 10.88 -22.29
CA ALA A 399 -14.49 9.45 -22.32
C ALA A 399 -14.29 8.96 -20.89
N LEU A 400 -13.64 9.74 -20.02
CA LEU A 400 -13.38 9.32 -18.61
C LEU A 400 -14.70 9.35 -17.82
N LYS A 401 -15.54 10.38 -18.02
CA LYS A 401 -16.86 10.41 -17.32
C LYS A 401 -17.60 9.11 -17.61
N ASP A 402 -17.59 8.72 -18.89
CA ASP A 402 -18.40 7.62 -19.49
C ASP A 402 -17.95 6.30 -18.89
N LEU A 403 -16.65 6.15 -18.69
CA LEU A 403 -16.05 4.93 -18.10
C LEU A 403 -16.42 4.85 -16.61
N MET A 404 -16.26 5.94 -15.90
CA MET A 404 -16.56 5.98 -14.45
C MET A 404 -18.09 5.99 -14.23
N ASP A 405 -18.95 6.44 -15.17
CA ASP A 405 -20.42 6.27 -14.98
C ASP A 405 -20.74 4.79 -15.16
N LYS A 406 -19.93 4.08 -15.93
CA LYS A 406 -20.18 2.63 -16.13
C LYS A 406 -19.60 1.86 -14.95
N ALA A 407 -18.51 2.32 -14.36
CA ALA A 407 -17.90 1.60 -13.21
C ALA A 407 -18.84 1.78 -12.01
N SER A 408 -19.53 2.93 -11.95
CA SER A 408 -20.45 3.32 -10.85
C SER A 408 -21.75 2.53 -10.97
N ALA A 409 -22.22 2.26 -12.19
CA ALA A 409 -23.40 1.39 -12.39
C ALA A 409 -23.09 -0.01 -11.87
N ALA A 410 -21.92 -0.57 -12.17
CA ALA A 410 -21.60 -1.97 -11.82
C ALA A 410 -21.36 -2.05 -10.30
N ILE A 411 -20.59 -1.10 -9.76
CA ILE A 411 -20.32 -0.96 -8.28
C ILE A 411 -21.64 -0.81 -7.51
N ASN A 412 -22.58 -0.02 -8.01
CA ASN A 412 -23.85 0.17 -7.26
C ASN A 412 -24.49 -1.22 -7.17
N GLN A 413 -24.73 -1.89 -8.30
CA GLN A 413 -25.31 -3.25 -8.36
C GLN A 413 -24.64 -4.13 -7.31
N ALA A 414 -23.30 -4.21 -7.33
CA ALA A 414 -22.50 -5.08 -6.42
C ALA A 414 -22.92 -4.82 -4.97
N LEU A 415 -22.93 -3.54 -4.55
CA LEU A 415 -23.31 -3.04 -3.19
C LEU A 415 -24.79 -3.36 -2.84
N ARG A 416 -25.73 -3.30 -3.81
CA ARG A 416 -27.19 -3.52 -3.60
C ARG A 416 -27.58 -4.90 -4.14
C2 BGC B . 14.22 -8.94 -8.72
C3 BGC B . 14.11 -8.49 -7.28
C4 BGC B . 12.89 -9.09 -6.62
C5 BGC B . 12.81 -10.61 -6.83
C6 BGC B . 11.50 -11.20 -6.35
C1 BGC B . 14.15 -10.46 -8.81
O1 BGC B . 14.24 -10.84 -10.14
O2 BGC B . 15.42 -8.47 -9.31
O3 BGC B . 14.05 -7.07 -7.23
O4 BGC B . 13.06 -8.80 -5.22
O5 BGC B . 12.93 -10.93 -8.22
O6 BGC B . 11.66 -12.57 -5.95
C2 BGC B . 12.23 -8.31 -3.07
C3 BGC B . 11.13 -7.61 -2.34
C4 BGC B . 11.10 -6.17 -2.79
C5 BGC B . 10.81 -6.11 -4.30
C6 BGC B . 10.79 -4.73 -4.89
C1 BGC B . 11.98 -8.21 -4.57
O2 BGC B . 12.32 -9.68 -2.65
O3 BGC B . 11.30 -7.71 -0.92
O4 BGC B . 10.08 -5.50 -2.03
O5 BGC B . 11.86 -6.83 -4.98
O6 BGC B . 12.01 -4.03 -4.64
C2 BGC B . 8.07 -5.89 -0.82
C3 BGC B . 6.54 -6.09 -0.93
C4 BGC B . 5.96 -5.38 -2.17
C5 BGC B . 6.79 -5.76 -3.40
C6 BGC B . 6.32 -5.17 -4.71
C1 BGC B . 8.77 -5.98 -2.16
O2 BGC B . 8.66 -6.91 0.00
O3 BGC B . 5.96 -5.55 0.24
O4 BGC B . 4.60 -5.78 -2.37
O5 BGC B . 8.08 -5.26 -3.16
O6 BGC B . 6.04 -3.78 -4.60
C2 BGC B . 2.25 -5.40 -2.52
C3 BGC B . 1.09 -4.53 -2.02
C4 BGC B . 1.19 -4.39 -0.51
C5 BGC B . 2.57 -3.87 -0.11
C6 BGC B . 2.76 -3.69 1.38
C1 BGC B . 3.58 -4.90 -1.99
O2 BGC B . 2.24 -5.47 -3.94
O3 BGC B . -0.14 -5.14 -2.40
O4 BGC B . 0.17 -3.46 -0.09
O5 BGC B . 3.53 -4.83 -0.56
O6 BGC B . 2.70 -4.92 2.09
C2 BGC B . -1.50 -2.93 1.52
C3 BGC B . -2.81 -3.45 2.11
C4 BGC B . -3.74 -4.00 1.01
C5 BGC B . -3.00 -5.07 0.22
C6 BGC B . -3.76 -5.61 -0.96
C1 BGC B . -0.90 -4.00 0.63
O2 BGC B . -0.55 -2.52 2.52
O3 BGC B . -3.42 -2.36 2.77
O4 BGC B . -4.93 -4.55 1.59
O5 BGC B . -1.82 -4.51 -0.31
O6 BGC B . -4.29 -4.56 -1.77
CL CL C . -3.50 3.74 -11.53
C1 EDO D . -0.37 -1.83 -6.86
O1 EDO D . -1.02 -2.72 -7.74
C2 EDO D . -0.80 -2.01 -5.45
O2 EDO D . -0.03 -1.31 -4.47
S SO4 E . -5.96 19.10 -20.64
O1 SO4 E . -6.24 19.54 -19.30
O2 SO4 E . -7.13 18.47 -21.19
O3 SO4 E . -4.87 18.15 -20.62
O4 SO4 E . -5.58 20.23 -21.45
#